data_7QRN
#
_entry.id   7QRN
#
_cell.length_a   53.504
_cell.length_b   68.069
_cell.length_c   108.472
_cell.angle_alpha   90.000
_cell.angle_beta   90.000
_cell.angle_gamma   90.000
#
_symmetry.space_group_name_H-M   'P 21 21 21'
#
loop_
_entity.id
_entity.type
_entity.pdbx_description
1 polymer 'Ovalbumin-related protein X'
2 branched '2-deoxy-6-O-sulfo-2-(sulfoamino)-alpha-D-glucopyranose-(1-4)-beta-D-glucopyranuronic acid-(1-4)-2-deoxy-3,6-di-O-sulfo-2-(sulfoamino)-alpha-D-glucopyranose-(1-4)-2-O-sulfo-alpha-L-idopyranuronic acid-(1-4)-methyl 2-deoxy-6-O-sulfo-2-(sulfoamino)-alpha-D-glucopyranoside'
3 non-polymer 'SULFATE ION'
4 non-polymer 1,2-ETHANEDIOL
5 water water
#
_entity_poly.entity_id   1
_entity_poly.type   'polypeptide(L)'
_entity_poly.pdbx_seq_one_letter_code
;MFFYNTDFRMGSISAANAEFCFDVFNELKVQHTNENILYSPLSIIVALAMVYMGARGNTEYQMEKALHFDSIAGLGGSTQ
TKVQKPKCGKSVNIHLLFKELLSDITASKANYSLRIANRLYAEKSRPILPIYLKCVKKLYRAGLETVNFKTASDQARQLI
NSWVEKQTEGQIKDLLVSSSTDLDTTLVLVNAIYFKGMWKTAFNAEDTREMPFHVTKEESKPVQMMCMNNSFNVATLPAE
KMKILELPFASGDLSMLVLLPDEVSGLERIEKTINFEKLTEWTNPNTMEKRRVKVYLPQMKIEEKYNLTSVLMALGMTDL
FIPSANLTGISSAESLKISQAVHGAFMELSEDGIEMAGSTGVIEDIKHSPELEQFRADHPFLFLIKHNPTNTIVYFGRYW
SP
;
_entity_poly.pdbx_strand_id   A
#
# COMPACT_ATOMS: atom_id res chain seq x y z
N PHE A 8 2.69 9.93 21.05
CA PHE A 8 1.33 10.11 20.55
C PHE A 8 0.69 8.78 20.16
N ARG A 9 -0.64 8.76 20.04
CA ARG A 9 -1.33 7.58 19.53
C ARG A 9 -1.00 7.29 18.08
N MET A 10 -0.28 8.19 17.40
CA MET A 10 0.16 7.95 16.03
C MET A 10 1.00 6.69 15.93
N GLY A 11 1.72 6.34 16.99
CA GLY A 11 2.46 5.08 16.98
C GLY A 11 1.56 3.87 16.99
N SER A 12 0.40 3.98 17.65
CA SER A 12 -0.59 2.91 17.60
C SER A 12 -1.14 2.74 16.20
N ILE A 13 -1.38 3.84 15.49
CA ILE A 13 -1.88 3.75 14.12
C ILE A 13 -0.80 3.20 13.18
N SER A 14 0.46 3.59 13.42
CA SER A 14 1.54 3.05 12.62
C SER A 14 1.66 1.53 12.83
N ALA A 15 1.55 1.08 14.08
CA ALA A 15 1.63 -0.36 14.37
C ALA A 15 0.46 -1.12 13.75
N ALA A 16 -0.75 -0.54 13.81
CA ALA A 16 -1.90 -1.20 13.21
C ALA A 16 -1.71 -1.34 11.71
N ASN A 17 -1.19 -0.28 11.08
CA ASN A 17 -0.92 -0.31 9.64
C ASN A 17 0.08 -1.41 9.29
N ALA A 18 1.14 -1.54 10.10
CA ALA A 18 2.13 -2.58 9.83
C ALA A 18 1.56 -3.97 10.04
N GLU A 19 0.80 -4.17 11.13
CA GLU A 19 0.17 -5.47 11.36
C GLU A 19 -0.76 -5.82 10.21
N PHE A 20 -1.57 -4.85 9.78
CA PHE A 20 -2.44 -5.04 8.62
C PHE A 20 -1.62 -5.32 7.36
N CYS A 21 -0.51 -4.60 7.18
CA CYS A 21 0.36 -4.82 6.02
C CYS A 21 0.77 -6.29 5.90
N PHE A 22 1.19 -6.92 7.01
CA PHE A 22 1.64 -8.30 6.90
C PHE A 22 0.49 -9.30 6.88
N ASP A 23 -0.67 -8.96 7.46
CA ASP A 23 -1.87 -9.74 7.19
C ASP A 23 -2.18 -9.78 5.70
N VAL A 24 -2.11 -8.63 5.05
CA VAL A 24 -2.38 -8.58 3.61
C VAL A 24 -1.32 -9.35 2.84
N PHE A 25 -0.04 -9.17 3.21
CA PHE A 25 1.02 -9.88 2.49
C PHE A 25 0.83 -11.37 2.58
N ASN A 26 0.44 -11.87 3.77
CA ASN A 26 0.25 -13.31 3.93
CA ASN A 26 0.22 -13.30 3.95
C ASN A 26 -0.81 -13.84 2.98
N GLU A 27 -1.87 -13.05 2.71
CA GLU A 27 -2.89 -13.49 1.76
C GLU A 27 -2.41 -13.29 0.32
N LEU A 28 -1.83 -12.12 0.01
CA LEU A 28 -1.43 -11.82 -1.36
C LEU A 28 -0.42 -12.80 -1.90
N LYS A 29 0.52 -13.26 -1.06
CA LYS A 29 1.53 -14.15 -1.62
C LYS A 29 0.99 -15.56 -1.89
N VAL A 30 -0.22 -15.89 -1.41
CA VAL A 30 -0.81 -17.19 -1.74
C VAL A 30 -1.14 -17.25 -3.23
N GLN A 31 -1.66 -16.15 -3.78
CA GLN A 31 -2.13 -16.08 -5.15
C GLN A 31 -1.12 -15.43 -6.09
N HIS A 32 -0.16 -14.70 -5.55
CA HIS A 32 0.79 -13.96 -6.37
C HIS A 32 2.16 -14.53 -6.10
N THR A 33 2.38 -15.73 -6.63
CA THR A 33 3.61 -16.48 -6.47
C THR A 33 4.48 -16.24 -7.69
N ASN A 34 5.79 -16.19 -7.46
CA ASN A 34 6.76 -16.04 -8.56
C ASN A 34 6.43 -14.84 -9.43
N GLU A 35 6.14 -13.71 -8.79
CA GLU A 35 5.94 -12.46 -9.51
C GLU A 35 6.16 -11.32 -8.53
N ASN A 36 6.34 -10.13 -9.07
CA ASN A 36 6.45 -8.94 -8.24
C ASN A 36 5.14 -8.71 -7.48
N ILE A 37 5.26 -8.12 -6.29
CA ILE A 37 4.13 -7.68 -5.49
C ILE A 37 4.39 -6.23 -5.11
N LEU A 38 3.36 -5.40 -5.15
CA LEU A 38 3.50 -4.00 -4.74
C LEU A 38 2.15 -3.50 -4.28
N TYR A 39 2.05 -3.02 -3.04
CA TYR A 39 0.78 -2.45 -2.60
C TYR A 39 1.08 -1.46 -1.49
N SER A 40 0.09 -0.60 -1.22
CA SER A 40 0.22 0.35 -0.13
C SER A 40 -0.71 -0.08 0.99
N PRO A 41 -0.19 -0.60 2.10
CA PRO A 41 -1.09 -0.89 3.23
C PRO A 41 -1.73 0.37 3.76
N LEU A 42 -1.03 1.50 3.71
CA LEU A 42 -1.56 2.76 4.24
C LEU A 42 -2.76 3.23 3.43
N SER A 43 -2.63 3.25 2.11
CA SER A 43 -3.76 3.76 1.35
C SER A 43 -4.95 2.81 1.45
N ILE A 44 -4.70 1.50 1.58
CA ILE A 44 -5.79 0.54 1.73
C ILE A 44 -6.47 0.72 3.08
N ILE A 45 -5.68 0.89 4.14
CA ILE A 45 -6.31 0.96 5.46
C ILE A 45 -7.08 2.26 5.61
N VAL A 46 -6.62 3.34 4.96
CA VAL A 46 -7.36 4.59 4.98
C VAL A 46 -8.67 4.45 4.22
N ALA A 47 -8.64 3.80 3.05
CA ALA A 47 -9.87 3.54 2.31
C ALA A 47 -10.86 2.77 3.17
N LEU A 48 -10.39 1.73 3.85
CA LEU A 48 -11.30 0.92 4.67
C LEU A 48 -11.76 1.67 5.91
N ALA A 49 -10.89 2.52 6.47
CA ALA A 49 -11.29 3.32 7.63
C ALA A 49 -12.43 4.25 7.28
N MET A 50 -12.41 4.80 6.07
CA MET A 50 -13.50 5.67 5.63
C MET A 50 -14.82 4.90 5.56
N VAL A 51 -14.79 3.65 5.08
CA VAL A 51 -15.98 2.82 5.05
C VAL A 51 -16.40 2.45 6.46
N TYR A 52 -15.42 2.08 7.29
CA TYR A 52 -15.65 1.70 8.68
C TYR A 52 -16.42 2.77 9.45
N MET A 53 -16.16 4.04 9.13
CA MET A 53 -16.87 5.14 9.77
C MET A 53 -18.39 5.00 9.61
N GLY A 54 -18.84 4.38 8.52
CA GLY A 54 -20.25 4.15 8.27
C GLY A 54 -20.75 2.74 8.49
N ALA A 55 -19.89 1.85 8.99
CA ALA A 55 -20.29 0.47 9.26
C ALA A 55 -20.86 0.34 10.67
N ARG A 56 -21.79 -0.59 10.84
CA ARG A 56 -22.40 -0.87 12.14
C ARG A 56 -22.51 -2.37 12.34
N GLY A 57 -22.93 -2.77 13.54
CA GLY A 57 -23.20 -4.16 13.81
C GLY A 57 -22.00 -5.06 13.57
N ASN A 58 -22.29 -6.24 13.02
CA ASN A 58 -21.21 -7.22 12.81
C ASN A 58 -20.19 -6.75 11.77
N THR A 59 -20.63 -5.97 10.78
CA THR A 59 -19.72 -5.46 9.76
C THR A 59 -18.68 -4.55 10.38
N GLU A 60 -19.11 -3.63 11.25
CA GLU A 60 -18.18 -2.79 11.99
C GLU A 60 -17.25 -3.62 12.85
N TYR A 61 -17.82 -4.59 13.60
CA TYR A 61 -17.01 -5.40 14.48
C TYR A 61 -15.91 -6.13 13.73
N GLN A 62 -16.26 -6.71 12.57
CA GLN A 62 -15.27 -7.44 11.77
C GLN A 62 -14.16 -6.51 11.29
N MET A 63 -14.52 -5.32 10.80
CA MET A 63 -13.50 -4.39 10.32
C MET A 63 -12.59 -3.93 11.46
N GLU A 64 -13.18 -3.64 12.63
CA GLU A 64 -12.40 -3.16 13.76
C GLU A 64 -11.30 -4.15 14.12
N LYS A 65 -11.63 -5.45 14.12
CA LYS A 65 -10.64 -6.49 14.42
C LYS A 65 -9.64 -6.68 13.29
N ALA A 66 -10.12 -6.74 12.04
CA ALA A 66 -9.21 -7.02 10.93
C ALA A 66 -8.24 -5.88 10.69
N LEU A 67 -8.64 -4.64 10.95
CA LEU A 67 -7.79 -3.47 10.76
C LEU A 67 -6.95 -3.18 11.99
N HIS A 68 -7.06 -4.01 13.03
CA HIS A 68 -6.30 -3.85 14.27
C HIS A 68 -6.57 -2.51 14.94
N PHE A 69 -7.79 -1.99 14.77
CA PHE A 69 -8.21 -0.81 15.52
C PHE A 69 -8.57 -1.14 16.96
N ASP A 70 -8.91 -2.40 17.25
CA ASP A 70 -9.26 -2.78 18.60
C ASP A 70 -8.09 -2.71 19.57
N SER A 71 -6.86 -2.58 19.07
CA SER A 71 -5.69 -2.43 19.92
C SER A 71 -5.25 -0.99 20.06
N ILE A 72 -5.90 -0.05 19.37
CA ILE A 72 -5.51 1.36 19.43
C ILE A 72 -6.72 2.22 19.80
N GLN A 84 -21.70 11.12 24.93
CA GLN A 84 -20.55 11.96 24.59
C GLN A 84 -19.97 11.54 23.23
N LYS A 85 -20.68 10.66 22.54
CA LYS A 85 -20.18 10.08 21.31
C LYS A 85 -19.90 11.17 20.27
N PRO A 86 -18.73 11.18 19.65
CA PRO A 86 -18.44 12.19 18.63
C PRO A 86 -19.36 12.06 17.43
N LYS A 87 -19.54 13.18 16.72
CA LYS A 87 -20.45 13.21 15.58
C LYS A 87 -20.02 12.27 14.46
N CYS A 88 -18.74 11.90 14.40
CA CYS A 88 -18.26 10.96 13.38
C CYS A 88 -17.79 9.65 13.98
N GLY A 89 -18.26 9.30 15.17
CA GLY A 89 -18.01 8.01 15.77
C GLY A 89 -16.85 8.03 16.75
N LYS A 90 -16.70 6.91 17.47
CA LYS A 90 -15.70 6.82 18.53
C LYS A 90 -14.29 6.86 17.99
N SER A 91 -14.09 6.43 16.74
CA SER A 91 -12.75 6.40 16.15
C SER A 91 -12.39 7.71 15.45
N VAL A 92 -13.06 8.82 15.81
CA VAL A 92 -12.77 10.10 15.15
C VAL A 92 -11.30 10.47 15.28
N ASN A 93 -10.67 10.11 16.41
CA ASN A 93 -9.25 10.39 16.57
C ASN A 93 -8.39 9.62 15.57
N ILE A 94 -8.83 8.43 15.16
CA ILE A 94 -8.10 7.65 14.15
C ILE A 94 -8.22 8.29 12.78
N HIS A 95 -9.45 8.69 12.39
CA HIS A 95 -9.64 9.37 11.12
C HIS A 95 -8.82 10.65 11.05
N LEU A 96 -8.76 11.40 12.15
CA LEU A 96 -7.98 12.63 12.17
C LEU A 96 -6.48 12.36 11.98
N LEU A 97 -5.96 11.32 12.65
CA LEU A 97 -4.55 10.99 12.49
C LEU A 97 -4.25 10.55 11.05
N PHE A 98 -5.16 9.79 10.43
CA PHE A 98 -4.96 9.40 9.04
C PHE A 98 -4.95 10.61 8.12
N LYS A 99 -5.86 11.56 8.36
CA LYS A 99 -5.90 12.78 7.54
C LYS A 99 -4.60 13.55 7.64
N GLU A 100 -4.11 13.75 8.85
CA GLU A 100 -2.87 14.52 9.05
C GLU A 100 -1.67 13.82 8.44
N LEU A 101 -1.63 12.49 8.54
CA LEU A 101 -0.54 11.71 7.95
C LEU A 101 -0.57 11.80 6.43
N LEU A 102 -1.76 11.63 5.83
CA LEU A 102 -1.85 11.66 4.38
C LEU A 102 -1.49 13.03 3.80
N SER A 103 -1.86 14.11 4.50
CA SER A 103 -1.52 15.43 3.98
C SER A 103 -0.01 15.66 4.04
N ASP A 104 0.67 15.08 5.02
CA ASP A 104 2.13 15.15 5.06
C ASP A 104 2.73 14.51 3.81
N ILE A 105 2.44 13.24 3.57
CA ILE A 105 3.18 12.49 2.56
C ILE A 105 2.72 12.78 1.14
N THR A 106 1.50 13.29 0.92
CA THR A 106 1.08 13.57 -0.44
C THR A 106 1.46 14.97 -0.90
N ALA A 107 1.91 15.84 0.00
CA ALA A 107 2.39 17.16 -0.39
C ALA A 107 3.54 17.02 -1.39
N SER A 108 3.39 17.64 -2.55
CA SER A 108 4.37 17.47 -3.62
C SER A 108 5.55 18.41 -3.42
N LYS A 109 6.75 17.87 -3.57
CA LYS A 109 8.00 18.63 -3.46
C LYS A 109 8.77 18.51 -4.77
N ALA A 110 9.91 19.17 -4.81
CA ALA A 110 10.83 18.99 -5.94
C ALA A 110 11.35 17.55 -5.93
N ASN A 111 11.26 16.88 -7.08
CA ASN A 111 11.76 15.52 -7.26
C ASN A 111 11.04 14.52 -6.36
N TYR A 112 9.80 14.85 -6.00
CA TYR A 112 9.00 14.03 -5.10
C TYR A 112 7.56 14.11 -5.55
N SER A 113 6.99 12.96 -5.92
CA SER A 113 5.58 12.94 -6.30
C SER A 113 4.98 11.66 -5.73
N LEU A 114 4.12 11.84 -4.72
CA LEU A 114 3.31 10.78 -4.17
CA LEU A 114 3.30 10.77 -4.18
C LEU A 114 1.87 11.24 -4.23
N ARG A 115 1.02 10.45 -4.87
CA ARG A 115 -0.39 10.76 -5.04
C ARG A 115 -1.20 9.57 -4.58
N ILE A 116 -2.30 9.83 -3.87
CA ILE A 116 -3.23 8.81 -3.44
C ILE A 116 -4.61 9.17 -3.95
N ALA A 117 -5.24 8.25 -4.67
CA ALA A 117 -6.59 8.40 -5.16
C ALA A 117 -7.47 7.42 -4.40
N ASN A 118 -8.40 7.95 -3.61
CA ASN A 118 -9.20 7.12 -2.71
C ASN A 118 -10.65 7.54 -2.83
N ARG A 119 -11.52 6.62 -3.23
CA ARG A 119 -12.90 7.04 -3.48
C ARG A 119 -13.84 5.88 -3.32
N LEU A 120 -14.95 6.12 -2.62
CA LEU A 120 -16.06 5.19 -2.56
C LEU A 120 -17.12 5.73 -3.52
N TYR A 121 -17.48 4.93 -4.51
CA TYR A 121 -18.55 5.27 -5.44
C TYR A 121 -19.82 4.56 -5.01
N ALA A 122 -20.93 5.31 -4.93
CA ALA A 122 -22.18 4.79 -4.41
C ALA A 122 -23.27 4.92 -5.45
N GLU A 123 -24.11 3.89 -5.57
CA GLU A 123 -25.27 3.96 -6.46
C GLU A 123 -26.22 5.06 -5.99
N LYS A 124 -26.60 5.93 -6.93
CA LYS A 124 -27.31 7.16 -6.59
C LYS A 124 -28.66 6.88 -5.93
N SER A 125 -29.28 5.74 -6.20
CA SER A 125 -30.58 5.46 -5.57
C SER A 125 -30.44 5.00 -4.13
N ARG A 126 -29.22 4.89 -3.60
CA ARG A 126 -29.03 4.64 -2.18
C ARG A 126 -28.70 5.96 -1.50
N PRO A 127 -29.69 6.69 -0.97
CA PRO A 127 -29.43 8.02 -0.42
C PRO A 127 -28.41 7.96 0.71
N ILE A 128 -27.47 8.90 0.68
CA ILE A 128 -26.38 8.96 1.65
C ILE A 128 -26.85 9.79 2.84
N LEU A 129 -26.69 9.24 4.04
CA LEU A 129 -27.01 10.00 5.25
C LEU A 129 -26.22 11.31 5.28
N PRO A 130 -26.87 12.45 5.56
CA PRO A 130 -26.13 13.72 5.65
C PRO A 130 -24.93 13.66 6.58
N ILE A 131 -25.06 13.00 7.73
CA ILE A 131 -23.95 12.97 8.69
C ILE A 131 -22.73 12.26 8.10
N TYR A 132 -22.95 11.16 7.37
CA TYR A 132 -21.80 10.49 6.75
C TYR A 132 -21.17 11.36 5.69
N LEU A 133 -21.99 12.03 4.88
CA LEU A 133 -21.46 12.96 3.90
C LEU A 133 -20.66 14.08 4.56
N LYS A 134 -21.17 14.60 5.69
CA LYS A 134 -20.42 15.62 6.41
C LYS A 134 -19.11 15.08 6.95
N CYS A 135 -19.13 13.87 7.51
CA CYS A 135 -17.92 13.29 8.08
C CYS A 135 -16.88 13.01 7.00
N VAL A 136 -17.31 12.54 5.83
CA VAL A 136 -16.38 12.30 4.73
C VAL A 136 -15.78 13.63 4.26
N LYS A 137 -16.59 14.67 4.15
CA LYS A 137 -16.08 15.95 3.68
C LYS A 137 -14.99 16.49 4.59
N LYS A 138 -15.16 16.32 5.91
CA LYS A 138 -14.19 16.86 6.87
C LYS A 138 -12.98 15.95 7.06
N LEU A 139 -13.16 14.64 6.97
CA LEU A 139 -12.09 13.71 7.33
C LEU A 139 -11.42 13.03 6.14
N TYR A 140 -12.13 12.88 5.03
CA TYR A 140 -11.66 12.13 3.85
C TYR A 140 -12.05 12.88 2.58
N ARG A 141 -11.79 14.19 2.57
CA ARG A 141 -12.40 15.10 1.59
C ARG A 141 -12.32 14.57 0.17
N ALA A 142 -13.44 14.68 -0.55
CA ALA A 142 -13.63 14.19 -1.92
C ALA A 142 -13.66 12.68 -2.01
N GLY A 143 -13.80 11.98 -0.89
CA GLY A 143 -13.69 10.53 -0.91
C GLY A 143 -14.96 9.77 -1.24
N LEU A 144 -16.06 10.45 -1.51
CA LEU A 144 -17.34 9.79 -1.77
C LEU A 144 -18.02 10.45 -2.96
N GLU A 145 -18.48 9.63 -3.91
CA GLU A 145 -19.23 10.15 -5.05
C GLU A 145 -20.41 9.25 -5.31
N THR A 146 -21.54 9.84 -5.70
CA THR A 146 -22.73 9.09 -6.06
C THR A 146 -22.86 9.05 -7.58
N VAL A 147 -23.09 7.86 -8.13
CA VAL A 147 -23.14 7.67 -9.57
C VAL A 147 -24.29 6.77 -9.92
N ASN A 148 -24.71 6.83 -11.18
CA ASN A 148 -25.81 6.00 -11.68
C ASN A 148 -25.24 4.66 -12.17
N PHE A 149 -24.99 3.76 -11.21
CA PHE A 149 -24.71 2.37 -11.59
C PHE A 149 -25.93 1.69 -12.21
N LYS A 150 -27.14 2.05 -11.76
CA LYS A 150 -28.31 1.27 -12.11
C LYS A 150 -28.55 1.23 -13.62
N THR A 151 -28.44 2.37 -14.30
CA THR A 151 -28.69 2.44 -15.74
C THR A 151 -27.50 2.99 -16.53
N ALA A 152 -26.37 3.26 -15.89
CA ALA A 152 -25.18 3.74 -16.61
C ALA A 152 -23.91 3.11 -16.04
N SER A 153 -23.97 1.82 -15.70
CA SER A 153 -22.85 1.17 -15.03
C SER A 153 -21.59 1.15 -15.90
N ASP A 154 -21.74 0.98 -17.22
CA ASP A 154 -20.54 0.93 -18.04
C ASP A 154 -19.92 2.32 -18.20
N GLN A 155 -20.76 3.36 -18.38
CA GLN A 155 -20.22 4.71 -18.42
C GLN A 155 -19.58 5.08 -17.09
N ALA A 156 -20.20 4.67 -15.98
CA ALA A 156 -19.62 4.93 -14.66
C ALA A 156 -18.25 4.28 -14.52
N ARG A 157 -18.13 3.04 -15.03
CA ARG A 157 -16.85 2.34 -14.98
C ARG A 157 -15.76 3.09 -15.72
N GLN A 158 -16.06 3.57 -16.93
CA GLN A 158 -15.04 4.28 -17.71
C GLN A 158 -14.67 5.60 -17.06
N LEU A 159 -15.65 6.28 -16.45
CA LEU A 159 -15.36 7.50 -15.72
C LEU A 159 -14.46 7.22 -14.53
N ILE A 160 -14.75 6.15 -13.79
CA ILE A 160 -13.93 5.79 -12.64
C ILE A 160 -12.51 5.47 -13.09
N ASN A 161 -12.37 4.65 -14.15
CA ASN A 161 -11.04 4.26 -14.61
C ASN A 161 -10.26 5.45 -15.14
N SER A 162 -10.93 6.37 -15.84
CA SER A 162 -10.28 7.59 -16.33
C SER A 162 -9.73 8.40 -15.16
N TRP A 163 -10.54 8.55 -14.09
CA TRP A 163 -10.10 9.28 -12.91
C TRP A 163 -8.86 8.63 -12.30
N VAL A 164 -8.87 7.31 -12.13
CA VAL A 164 -7.70 6.62 -11.60
C VAL A 164 -6.50 6.81 -12.51
N GLU A 165 -6.71 6.71 -13.83
CA GLU A 165 -5.61 6.87 -14.77
C GLU A 165 -5.01 8.26 -14.67
N LYS A 166 -5.88 9.28 -14.56
CA LYS A 166 -5.42 10.65 -14.43
C LYS A 166 -4.61 10.83 -13.14
N GLN A 167 -5.13 10.32 -12.02
CA GLN A 167 -4.48 10.51 -10.73
C GLN A 167 -3.14 9.79 -10.62
N THR A 168 -2.96 8.71 -11.38
CA THR A 168 -1.72 7.95 -11.36
C THR A 168 -0.83 8.27 -12.56
N GLU A 169 -0.97 9.47 -13.13
CA GLU A 169 -0.11 9.95 -14.21
C GLU A 169 -0.06 8.97 -15.38
N GLY A 170 -1.23 8.40 -15.70
CA GLY A 170 -1.31 7.49 -16.82
C GLY A 170 -0.95 6.05 -16.53
N GLN A 171 -0.52 5.74 -15.31
CA GLN A 171 0.12 4.44 -15.09
C GLN A 171 -0.87 3.33 -14.70
N ILE A 172 -1.93 3.65 -13.97
CA ILE A 172 -2.92 2.64 -13.54
C ILE A 172 -4.12 2.80 -14.46
N LYS A 173 -4.20 1.94 -15.47
CA LYS A 173 -5.29 1.93 -16.43
C LYS A 173 -6.23 0.76 -16.17
N ASP A 174 -7.49 0.95 -16.54
CA ASP A 174 -8.50 -0.11 -16.48
C ASP A 174 -8.54 -0.80 -15.12
N LEU A 175 -8.45 0.00 -14.05
CA LEU A 175 -8.45 -0.59 -12.71
C LEU A 175 -9.70 -1.44 -12.47
N LEU A 176 -10.85 -0.94 -12.87
CA LEU A 176 -12.10 -1.70 -12.81
C LEU A 176 -12.31 -2.37 -14.16
N VAL A 177 -12.25 -3.70 -14.19
CA VAL A 177 -12.34 -4.44 -15.45
C VAL A 177 -13.80 -4.56 -15.89
N SER A 178 -14.02 -4.92 -17.16
CA SER A 178 -15.34 -4.80 -17.75
C SER A 178 -16.39 -5.62 -16.99
N SER A 179 -16.03 -6.78 -16.49
CA SER A 179 -16.98 -7.64 -15.80
C SER A 179 -17.33 -7.16 -14.40
N SER A 180 -16.72 -6.08 -13.91
CA SER A 180 -16.74 -5.80 -12.47
C SER A 180 -17.95 -4.99 -12.01
N THR A 181 -18.57 -4.20 -12.89
CA THR A 181 -19.74 -3.41 -12.52
C THR A 181 -20.93 -3.78 -13.39
N ASP A 182 -22.12 -3.72 -12.81
CA ASP A 182 -23.36 -4.01 -13.52
C ASP A 182 -24.49 -3.22 -12.87
N LEU A 183 -25.73 -3.50 -13.30
CA LEU A 183 -26.87 -2.71 -12.84
C LEU A 183 -27.15 -2.91 -11.36
N ASP A 184 -26.61 -3.97 -10.74
CA ASP A 184 -26.84 -4.27 -9.34
C ASP A 184 -25.76 -3.69 -8.43
N THR A 185 -24.72 -3.10 -8.99
CA THR A 185 -23.63 -2.57 -8.19
C THR A 185 -24.15 -1.44 -7.31
N THR A 186 -23.83 -1.49 -6.02
CA THR A 186 -24.24 -0.39 -5.15
C THR A 186 -23.07 0.39 -4.56
N LEU A 187 -21.95 -0.27 -4.21
CA LEU A 187 -20.76 0.43 -3.75
C LEU A 187 -19.51 -0.18 -4.37
N VAL A 188 -18.59 0.68 -4.80
CA VAL A 188 -17.28 0.27 -5.30
C VAL A 188 -16.23 1.08 -4.58
N LEU A 189 -15.25 0.41 -3.98
CA LEU A 189 -14.16 1.08 -3.30
C LEU A 189 -12.93 1.05 -4.20
N VAL A 190 -12.43 2.22 -4.58
CA VAL A 190 -11.36 2.36 -5.55
C VAL A 190 -10.19 3.04 -4.83
N ASN A 191 -9.00 2.44 -4.92
CA ASN A 191 -7.88 3.00 -4.20
C ASN A 191 -6.62 2.85 -5.05
N ALA A 192 -5.92 3.95 -5.31
CA ALA A 192 -4.72 3.87 -6.13
C ALA A 192 -3.65 4.75 -5.53
N ILE A 193 -2.40 4.34 -5.68
CA ILE A 193 -1.29 5.13 -5.17
C ILE A 193 -0.22 5.20 -6.24
N TYR A 194 0.36 6.38 -6.39
CA TYR A 194 1.41 6.64 -7.36
C TYR A 194 2.62 7.22 -6.64
N PHE A 195 3.81 6.70 -6.93
CA PHE A 195 5.02 7.27 -6.37
C PHE A 195 6.09 7.32 -7.44
N LYS A 196 6.68 8.48 -7.63
CA LYS A 196 7.87 8.62 -8.44
C LYS A 196 8.88 9.41 -7.63
N GLY A 197 10.03 8.81 -7.35
CA GLY A 197 11.01 9.43 -6.49
C GLY A 197 12.38 9.40 -7.12
N MET A 198 13.29 10.14 -6.50
CA MET A 198 14.65 10.31 -6.97
C MET A 198 15.59 10.05 -5.80
N TRP A 199 16.70 9.37 -6.09
CA TRP A 199 17.62 8.98 -5.03
C TRP A 199 18.35 10.19 -4.45
N LYS A 200 18.54 10.19 -3.12
CA LYS A 200 19.24 11.28 -2.45
C LYS A 200 20.68 11.39 -2.96
N THR A 201 21.39 10.27 -3.00
CA THR A 201 22.68 10.21 -3.67
C THR A 201 22.40 9.80 -5.12
N ALA A 202 22.34 10.79 -6.01
CA ALA A 202 22.05 10.55 -7.42
C ALA A 202 23.04 9.54 -7.99
N PHE A 203 22.54 8.36 -8.36
CA PHE A 203 23.40 7.32 -8.88
C PHE A 203 24.07 7.76 -10.18
N ASN A 204 25.35 7.44 -10.32
CA ASN A 204 26.14 7.91 -11.45
C ASN A 204 25.58 7.36 -12.76
N ALA A 205 25.25 8.28 -13.67
CA ALA A 205 24.64 7.88 -14.95
C ALA A 205 25.58 6.99 -15.76
N GLU A 206 26.87 7.35 -15.79
CA GLU A 206 27.87 6.57 -16.51
C GLU A 206 28.32 5.33 -15.74
N ASP A 207 27.65 5.00 -14.63
CA ASP A 207 27.97 3.82 -13.84
C ASP A 207 26.87 2.77 -13.79
N THR A 208 25.62 3.12 -14.08
CA THR A 208 24.59 2.11 -14.18
C THR A 208 24.82 1.26 -15.41
N ARG A 209 24.68 -0.06 -15.25
CA ARG A 209 25.03 -0.97 -16.33
C ARG A 209 24.11 -2.18 -16.26
N GLU A 210 24.05 -2.91 -17.38
CA GLU A 210 23.19 -4.09 -17.47
C GLU A 210 23.90 -5.28 -16.81
N MET A 211 23.21 -5.94 -15.88
CA MET A 211 23.78 -7.05 -15.13
C MET A 211 22.73 -8.16 -15.01
N PRO A 212 23.16 -9.39 -14.79
CA PRO A 212 22.18 -10.48 -14.64
C PRO A 212 21.44 -10.38 -13.32
N PHE A 213 20.14 -10.59 -13.39
CA PHE A 213 19.32 -10.74 -12.19
C PHE A 213 19.01 -12.23 -12.06
N HIS A 214 19.44 -12.83 -10.96
CA HIS A 214 19.28 -14.27 -10.76
C HIS A 214 17.93 -14.50 -10.06
N VAL A 215 16.90 -14.73 -10.88
CA VAL A 215 15.58 -15.05 -10.32
C VAL A 215 15.65 -16.35 -9.52
N THR A 216 16.32 -17.35 -10.10
CA THR A 216 16.71 -18.57 -9.40
C THR A 216 18.16 -18.85 -9.77
N LYS A 217 18.72 -19.94 -9.22
CA LYS A 217 20.04 -20.36 -9.64
C LYS A 217 20.06 -20.78 -11.10
N GLU A 218 18.90 -21.08 -11.69
CA GLU A 218 18.81 -21.52 -13.07
C GLU A 218 18.33 -20.45 -14.03
N GLU A 219 17.51 -19.50 -13.58
CA GLU A 219 16.88 -18.52 -14.46
C GLU A 219 17.49 -17.13 -14.24
N SER A 220 18.01 -16.55 -15.31
CA SER A 220 18.62 -15.24 -15.29
C SER A 220 17.90 -14.33 -16.27
N LYS A 221 17.70 -13.07 -15.88
CA LYS A 221 17.19 -12.05 -16.78
C LYS A 221 18.04 -10.79 -16.65
N PRO A 222 18.37 -10.13 -17.75
CA PRO A 222 19.16 -8.89 -17.65
C PRO A 222 18.35 -7.79 -17.00
N VAL A 223 19.04 -6.94 -16.25
CA VAL A 223 18.38 -5.79 -15.63
C VAL A 223 19.36 -4.63 -15.61
N GLN A 224 18.81 -3.42 -15.72
CA GLN A 224 19.60 -2.21 -15.56
C GLN A 224 19.78 -1.96 -14.07
N MET A 225 21.03 -2.00 -13.64
CA MET A 225 21.40 -1.93 -12.24
C MET A 225 21.93 -0.54 -11.94
N MET A 226 21.35 0.10 -10.92
CA MET A 226 21.91 1.35 -10.41
C MET A 226 23.03 1.03 -9.43
N CYS A 227 24.14 1.74 -9.55
CA CYS A 227 25.29 1.50 -8.71
C CYS A 227 25.57 2.75 -7.90
N MET A 228 25.74 2.58 -6.59
CA MET A 228 26.04 3.67 -5.69
C MET A 228 27.11 3.21 -4.71
N ASN A 229 28.13 4.03 -4.51
CA ASN A 229 29.13 3.80 -3.47
C ASN A 229 29.08 5.02 -2.56
N ASN A 230 28.50 4.84 -1.37
CA ASN A 230 28.30 5.95 -0.46
C ASN A 230 28.09 5.38 0.94
N SER A 231 27.87 6.26 1.91
CA SER A 231 27.60 5.87 3.28
C SER A 231 26.10 5.62 3.45
N PHE A 232 25.75 4.45 3.96
CA PHE A 232 24.35 4.08 4.16
C PHE A 232 24.19 3.40 5.51
N ASN A 233 22.99 3.52 6.08
CA ASN A 233 22.62 2.67 7.20
C ASN A 233 22.29 1.27 6.69
N VAL A 234 22.91 0.26 7.26
CA VAL A 234 22.69 -1.11 6.80
C VAL A 234 22.75 -2.03 8.01
N ALA A 235 21.85 -3.00 8.04
CA ALA A 235 21.83 -4.04 9.05
C ALA A 235 22.34 -5.30 8.38
N THR A 236 23.38 -5.89 8.95
CA THR A 236 23.95 -7.14 8.44
C THR A 236 23.65 -8.21 9.46
N LEU A 237 22.80 -9.17 9.10
CA LEU A 237 22.18 -10.12 10.02
C LEU A 237 22.51 -11.54 9.56
N PRO A 238 23.72 -12.02 9.82
CA PRO A 238 24.08 -13.37 9.33
C PRO A 238 23.17 -14.47 9.86
N ALA A 239 22.75 -14.43 11.12
CA ALA A 239 21.91 -15.50 11.64
C ALA A 239 20.55 -15.52 10.98
N GLU A 240 20.06 -14.37 10.53
CA GLU A 240 18.83 -14.28 9.76
C GLU A 240 19.07 -14.43 8.27
N LYS A 241 20.34 -14.50 7.86
CA LYS A 241 20.75 -14.67 6.46
C LYS A 241 20.20 -13.55 5.58
N MET A 242 20.36 -12.30 6.05
CA MET A 242 19.92 -11.18 5.26
C MET A 242 20.75 -9.94 5.56
N LYS A 243 20.65 -8.98 4.66
CA LYS A 243 21.04 -7.60 4.90
C LYS A 243 19.84 -6.70 4.64
N ILE A 244 19.77 -5.59 5.37
CA ILE A 244 18.70 -4.62 5.20
C ILE A 244 19.33 -3.24 5.03
N LEU A 245 19.11 -2.63 3.87
CA LEU A 245 19.72 -1.35 3.51
C LEU A 245 18.66 -0.26 3.58
N GLU A 246 19.00 0.87 4.20
CA GLU A 246 18.14 2.05 4.19
C GLU A 246 18.63 3.00 3.11
N LEU A 247 17.74 3.37 2.21
CA LEU A 247 18.08 4.34 1.17
C LEU A 247 17.19 5.56 1.30
N PRO A 248 17.71 6.71 1.71
CA PRO A 248 16.89 7.92 1.77
C PRO A 248 16.59 8.45 0.37
N PHE A 249 15.47 9.15 0.27
CA PHE A 249 15.12 9.83 -0.97
C PHE A 249 15.63 11.26 -0.94
N ALA A 250 15.72 11.87 -2.13
CA ALA A 250 16.35 13.18 -2.27
C ALA A 250 15.58 14.26 -1.51
N SER A 251 14.28 14.32 -1.72
CA SER A 251 13.42 15.25 -0.99
C SER A 251 12.26 14.45 -0.41
N GLY A 252 11.56 15.08 0.52
CA GLY A 252 10.49 14.41 1.24
C GLY A 252 11.02 13.63 2.43
N ASP A 253 10.08 13.15 3.24
CA ASP A 253 10.43 12.45 4.48
C ASP A 253 10.23 10.94 4.35
N LEU A 254 10.46 10.39 3.16
CA LEU A 254 10.31 8.97 2.91
C LEU A 254 11.65 8.31 2.67
N SER A 255 11.73 7.02 2.98
CA SER A 255 12.92 6.25 2.70
CA SER A 255 12.93 6.21 2.79
C SER A 255 12.52 4.83 2.30
N MET A 256 13.42 4.18 1.57
CA MET A 256 13.23 2.80 1.18
C MET A 256 14.07 1.91 2.07
N LEU A 257 13.51 0.78 2.50
CA LEU A 257 14.29 -0.31 3.06
C LEU A 257 14.29 -1.47 2.09
N VAL A 258 15.46 -2.07 1.86
CA VAL A 258 15.58 -3.24 1.02
C VAL A 258 16.04 -4.40 1.90
N LEU A 259 15.24 -5.45 1.94
CA LEU A 259 15.56 -6.67 2.67
CA LEU A 259 15.55 -6.68 2.68
C LEU A 259 16.09 -7.69 1.67
N LEU A 260 17.42 -7.83 1.61
CA LEU A 260 18.08 -8.71 0.65
C LEU A 260 18.47 -10.03 1.30
N PRO A 261 17.90 -11.16 0.88
CA PRO A 261 18.36 -12.45 1.38
C PRO A 261 19.82 -12.69 1.01
N ASP A 262 20.57 -13.30 1.95
CA ASP A 262 21.97 -13.63 1.67
C ASP A 262 22.08 -14.67 0.56
N GLU A 263 21.16 -15.63 0.54
CA GLU A 263 21.20 -16.71 -0.44
C GLU A 263 20.33 -16.35 -1.64
N VAL A 264 20.66 -16.95 -2.80
CA VAL A 264 19.99 -16.57 -4.04
C VAL A 264 18.49 -16.81 -3.96
N SER A 265 18.08 -17.92 -3.36
CA SER A 265 16.66 -18.19 -3.20
C SER A 265 16.25 -18.18 -1.73
N GLY A 266 16.95 -17.38 -0.93
CA GLY A 266 16.59 -17.23 0.47
C GLY A 266 15.29 -16.49 0.73
N LEU A 267 14.63 -15.94 -0.28
CA LEU A 267 13.45 -15.11 -0.07
C LEU A 267 12.32 -15.88 0.60
N GLU A 268 12.03 -17.10 0.13
CA GLU A 268 10.88 -17.84 0.66
C GLU A 268 10.99 -18.01 2.17
N ARG A 269 12.19 -18.36 2.65
CA ARG A 269 12.39 -18.58 4.08
C ARG A 269 12.08 -17.31 4.87
N ILE A 270 12.44 -16.15 4.32
CA ILE A 270 12.16 -14.88 4.98
C ILE A 270 10.68 -14.50 4.86
N GLU A 271 10.06 -14.78 3.72
CA GLU A 271 8.62 -14.51 3.59
C GLU A 271 7.78 -15.37 4.52
N LYS A 272 8.27 -16.57 4.85
CA LYS A 272 7.51 -17.43 5.76
C LYS A 272 7.51 -16.91 7.18
N THR A 273 8.57 -16.19 7.58
CA THR A 273 8.73 -15.77 8.96
C THR A 273 8.46 -14.30 9.21
N ILE A 274 8.46 -13.45 8.18
CA ILE A 274 8.33 -12.01 8.42
C ILE A 274 6.94 -11.68 8.95
N ASN A 275 6.90 -10.77 9.92
CA ASN A 275 5.68 -10.14 10.41
C ASN A 275 6.12 -8.84 11.06
N PHE A 276 5.19 -8.12 11.69
CA PHE A 276 5.55 -6.82 12.24
C PHE A 276 6.59 -6.95 13.34
N GLU A 277 6.46 -7.96 14.20
CA GLU A 277 7.41 -8.11 15.29
C GLU A 277 8.81 -8.44 14.77
N LYS A 278 8.91 -9.37 13.83
CA LYS A 278 10.22 -9.71 13.27
C LYS A 278 10.84 -8.54 12.54
N LEU A 279 10.04 -7.81 11.75
CA LEU A 279 10.58 -6.67 11.02
C LEU A 279 11.14 -5.63 11.97
N THR A 280 10.42 -5.38 13.07
CA THR A 280 10.90 -4.46 14.09
C THR A 280 12.23 -4.94 14.69
N GLU A 281 12.35 -6.24 14.94
CA GLU A 281 13.62 -6.76 15.48
C GLU A 281 14.75 -6.60 14.46
N TRP A 282 14.48 -6.94 13.20
CA TRP A 282 15.53 -6.90 12.18
C TRP A 282 15.95 -5.47 11.83
N THR A 283 15.07 -4.48 11.99
CA THR A 283 15.38 -3.10 11.64
C THR A 283 15.63 -2.24 12.87
N ASN A 284 15.84 -2.86 14.02
CA ASN A 284 16.13 -2.13 15.24
C ASN A 284 17.29 -1.15 15.01
N PRO A 285 17.12 0.15 15.31
CA PRO A 285 18.20 1.12 15.10
C PRO A 285 19.53 0.71 15.72
N ASN A 286 19.48 -0.15 16.74
CA ASN A 286 20.71 -0.68 17.32
C ASN A 286 21.40 -1.66 16.38
N THR A 287 20.65 -2.32 15.51
CA THR A 287 21.21 -3.23 14.52
C THR A 287 21.72 -2.50 13.28
N MET A 288 21.20 -1.30 13.03
CA MET A 288 21.66 -0.50 11.90
C MET A 288 23.04 0.07 12.18
N GLU A 289 23.92 0.00 11.17
CA GLU A 289 25.24 0.60 11.23
C GLU A 289 25.45 1.47 10.00
N LYS A 290 26.03 2.64 10.20
CA LYS A 290 26.34 3.57 9.12
C LYS A 290 27.72 3.25 8.60
N ARG A 291 27.82 2.80 7.36
CA ARG A 291 29.11 2.41 6.80
C ARG A 291 29.08 2.59 5.30
N ARG A 292 30.26 2.49 4.70
CA ARG A 292 30.39 2.60 3.25
C ARG A 292 29.88 1.31 2.63
N VAL A 293 28.98 1.45 1.66
CA VAL A 293 28.33 0.31 1.02
C VAL A 293 28.40 0.51 -0.49
N LYS A 294 28.77 -0.54 -1.20
CA LYS A 294 28.69 -0.56 -2.66
C LYS A 294 27.34 -1.18 -3.02
N VAL A 295 26.43 -0.35 -3.53
CA VAL A 295 25.05 -0.76 -3.73
C VAL A 295 24.81 -1.03 -5.21
N TYR A 296 24.22 -2.18 -5.51
CA TYR A 296 23.68 -2.48 -6.83
C TYR A 296 22.20 -2.73 -6.64
N LEU A 297 21.37 -1.88 -7.24
CA LEU A 297 19.92 -2.01 -7.07
C LEU A 297 19.27 -1.93 -8.44
N PRO A 298 18.38 -2.86 -8.79
CA PRO A 298 17.68 -2.76 -10.07
C PRO A 298 16.91 -1.46 -10.15
N GLN A 299 16.93 -0.84 -11.33
CA GLN A 299 16.00 0.24 -11.60
C GLN A 299 14.59 -0.30 -11.50
N MET A 300 13.77 0.33 -10.67
CA MET A 300 12.47 -0.23 -10.33
C MET A 300 11.37 0.61 -10.94
N LYS A 301 10.50 -0.04 -11.70
CA LYS A 301 9.29 0.56 -12.23
C LYS A 301 8.23 -0.53 -12.15
N ILE A 302 7.43 -0.51 -11.09
CA ILE A 302 6.52 -1.61 -10.81
C ILE A 302 5.11 -1.08 -10.77
N GLU A 303 4.22 -1.74 -11.50
CA GLU A 303 2.78 -1.51 -11.41
C GLU A 303 2.08 -2.80 -11.06
N GLU A 304 1.16 -2.75 -10.09
CA GLU A 304 0.36 -3.92 -9.75
C GLU A 304 -1.07 -3.46 -9.47
N LYS A 305 -2.02 -4.31 -9.84
CA LYS A 305 -3.44 -4.08 -9.59
C LYS A 305 -4.04 -5.29 -8.92
N TYR A 306 -4.86 -5.08 -7.88
CA TYR A 306 -5.44 -6.17 -7.11
C TYR A 306 -6.93 -5.93 -6.92
N ASN A 307 -7.70 -6.99 -7.12
CA ASN A 307 -9.04 -7.06 -6.58
C ASN A 307 -8.88 -7.62 -5.18
N LEU A 308 -9.12 -6.79 -4.16
CA LEU A 308 -8.80 -7.19 -2.81
C LEU A 308 -9.97 -7.82 -2.09
N THR A 309 -11.11 -7.98 -2.78
CA THR A 309 -12.32 -8.47 -2.12
C THR A 309 -12.08 -9.79 -1.40
N SER A 310 -11.54 -10.79 -2.12
CA SER A 310 -11.34 -12.10 -1.50
C SER A 310 -10.36 -12.03 -0.34
N VAL A 311 -9.25 -11.31 -0.54
CA VAL A 311 -8.24 -11.12 0.51
C VAL A 311 -8.87 -10.54 1.77
N LEU A 312 -9.68 -9.47 1.62
CA LEU A 312 -10.24 -8.83 2.81
C LEU A 312 -11.27 -9.72 3.50
N MET A 313 -12.03 -10.48 2.72
CA MET A 313 -12.93 -11.45 3.31
C MET A 313 -12.16 -12.51 4.09
N ALA A 314 -11.07 -13.00 3.51
CA ALA A 314 -10.27 -14.02 4.16
C ALA A 314 -9.68 -13.52 5.46
N LEU A 315 -9.37 -12.22 5.53
CA LEU A 315 -8.91 -11.61 6.77
C LEU A 315 -10.03 -11.41 7.79
N GLY A 316 -11.28 -11.71 7.46
CA GLY A 316 -12.38 -11.69 8.41
C GLY A 316 -13.46 -10.66 8.13
N MET A 317 -13.29 -9.81 7.12
CA MET A 317 -14.28 -8.79 6.77
C MET A 317 -15.26 -9.36 5.74
N THR A 318 -15.91 -10.46 6.12
CA THR A 318 -16.79 -11.14 5.18
C THR A 318 -18.06 -10.34 4.94
N ASP A 319 -18.67 -9.80 6.01
CA ASP A 319 -20.00 -9.22 5.87
C ASP A 319 -19.99 -8.03 4.92
N LEU A 320 -18.86 -7.31 4.85
CA LEU A 320 -18.80 -6.08 4.06
C LEU A 320 -19.07 -6.34 2.58
N PHE A 321 -18.81 -7.56 2.10
CA PHE A 321 -18.84 -7.85 0.67
C PHE A 321 -19.99 -8.78 0.27
N ILE A 322 -20.94 -9.03 1.15
CA ILE A 322 -22.09 -9.89 0.86
C ILE A 322 -23.35 -9.14 1.28
N PRO A 323 -24.54 -9.63 0.92
CA PRO A 323 -25.76 -8.85 1.19
C PRO A 323 -26.04 -8.59 2.68
N SER A 324 -25.48 -9.34 3.61
CA SER A 324 -25.73 -9.02 5.01
C SER A 324 -24.81 -7.89 5.55
N ALA A 325 -24.13 -7.14 4.67
CA ALA A 325 -23.38 -5.96 5.10
C ALA A 325 -24.26 -4.98 5.87
N ASN A 326 -23.71 -4.40 6.93
CA ASN A 326 -24.38 -3.38 7.73
C ASN A 326 -23.58 -2.09 7.56
N LEU A 327 -24.02 -1.28 6.60
CA LEU A 327 -23.46 0.04 6.34
C LEU A 327 -24.50 1.11 6.60
N THR A 328 -25.30 0.90 7.65
CA THR A 328 -26.39 1.83 7.94
C THR A 328 -25.91 3.16 8.49
N GLY A 329 -24.61 3.32 8.73
CA GLY A 329 -24.04 4.64 8.98
C GLY A 329 -23.68 5.39 7.72
N ILE A 330 -23.85 4.75 6.57
CA ILE A 330 -23.67 5.36 5.25
C ILE A 330 -25.01 5.67 4.60
N SER A 331 -25.91 4.69 4.60
CA SER A 331 -27.22 4.86 3.99
C SER A 331 -28.26 4.09 4.80
N SER A 332 -29.50 4.57 4.75
CA SER A 332 -30.63 3.82 5.27
C SER A 332 -31.22 2.84 4.27
N ALA A 333 -30.69 2.77 3.05
CA ALA A 333 -31.29 1.98 1.99
C ALA A 333 -31.17 0.48 2.27
N GLU A 334 -32.04 -0.28 1.61
CA GLU A 334 -32.29 -1.67 2.02
C GLU A 334 -31.13 -2.59 1.65
N SER A 335 -30.50 -2.38 0.50
CA SER A 335 -29.49 -3.30 -0.01
C SER A 335 -28.23 -2.50 -0.31
N LEU A 336 -27.17 -2.73 0.46
CA LEU A 336 -25.92 -2.01 0.30
C LEU A 336 -24.80 -2.96 0.68
N LYS A 337 -23.77 -3.03 -0.15
CA LYS A 337 -22.58 -3.82 0.16
C LYS A 337 -21.49 -3.37 -0.79
N ILE A 338 -20.25 -3.69 -0.44
CA ILE A 338 -19.14 -3.37 -1.33
C ILE A 338 -19.06 -4.44 -2.41
N SER A 339 -19.31 -4.05 -3.66
CA SER A 339 -19.29 -5.01 -4.74
C SER A 339 -17.86 -5.36 -5.15
N GLN A 340 -16.95 -4.38 -5.08
CA GLN A 340 -15.55 -4.59 -5.42
C GLN A 340 -14.71 -3.63 -4.60
N ALA A 341 -13.56 -4.10 -4.12
CA ALA A 341 -12.51 -3.25 -3.56
C ALA A 341 -11.26 -3.49 -4.39
N VAL A 342 -10.82 -2.47 -5.14
CA VAL A 342 -9.70 -2.63 -6.06
C VAL A 342 -8.60 -1.65 -5.68
N HIS A 343 -7.36 -2.11 -5.81
CA HIS A 343 -6.19 -1.36 -5.40
C HIS A 343 -5.19 -1.37 -6.54
N GLY A 344 -4.73 -0.19 -6.97
CA GLY A 344 -3.66 -0.07 -7.94
C GLY A 344 -2.48 0.63 -7.30
N ALA A 345 -1.27 0.09 -7.53
CA ALA A 345 -0.08 0.69 -6.95
C ALA A 345 0.98 0.82 -8.03
N PHE A 346 1.60 1.99 -8.10
CA PHE A 346 2.69 2.23 -9.03
C PHE A 346 3.85 2.84 -8.26
N MET A 347 5.06 2.36 -8.53
CA MET A 347 6.26 2.88 -7.88
C MET A 347 7.37 2.92 -8.90
N GLU A 348 7.99 4.07 -9.05
CA GLU A 348 9.14 4.23 -9.94
C GLU A 348 10.25 4.95 -9.22
N LEU A 349 11.48 4.46 -9.38
CA LEU A 349 12.66 5.17 -8.89
C LEU A 349 13.64 5.34 -10.03
N SER A 350 14.20 6.55 -10.15
CA SER A 350 15.14 6.90 -11.19
C SER A 350 16.34 7.60 -10.59
N GLU A 351 17.49 7.45 -11.26
CA GLU A 351 18.74 8.09 -10.85
C GLU A 351 18.94 9.42 -11.56
N LEU A 372 34.54 -1.39 1.29
CA LEU A 372 33.10 -1.25 1.40
C LEU A 372 32.38 -2.60 1.45
N GLU A 373 31.27 -2.63 2.18
CA GLU A 373 30.38 -3.79 2.18
C GLU A 373 29.57 -3.84 0.89
N GLN A 374 29.42 -5.03 0.34
CA GLN A 374 28.61 -5.22 -0.87
C GLN A 374 27.13 -5.34 -0.51
N PHE A 375 26.28 -4.70 -1.32
CA PHE A 375 24.84 -4.92 -1.22
C PHE A 375 24.38 -5.05 -2.66
N ARG A 376 24.39 -6.27 -3.19
CA ARG A 376 24.15 -6.53 -4.60
C ARG A 376 22.79 -7.18 -4.72
N ALA A 377 21.76 -6.38 -5.04
CA ALA A 377 20.38 -6.86 -5.06
C ALA A 377 20.07 -7.47 -6.44
N ASP A 378 20.71 -8.61 -6.70
CA ASP A 378 20.58 -9.27 -7.99
C ASP A 378 19.89 -10.63 -7.86
N HIS A 379 19.05 -10.78 -6.84
CA HIS A 379 18.18 -11.93 -6.70
C HIS A 379 16.98 -11.48 -5.89
N PRO A 380 15.89 -12.25 -5.89
CA PRO A 380 14.62 -11.71 -5.35
C PRO A 380 14.75 -11.22 -3.92
N PHE A 381 14.08 -10.09 -3.65
CA PHE A 381 14.18 -9.41 -2.38
C PHE A 381 12.84 -8.74 -2.03
N LEU A 382 12.74 -8.32 -0.77
CA LEU A 382 11.59 -7.53 -0.32
C LEU A 382 12.03 -6.08 -0.17
N PHE A 383 11.06 -5.17 -0.27
CA PHE A 383 11.36 -3.78 -0.07
C PHE A 383 10.15 -3.08 0.51
N LEU A 384 10.39 -1.94 1.14
CA LEU A 384 9.25 -1.14 1.56
C LEU A 384 9.66 0.32 1.49
N ILE A 385 8.67 1.18 1.40
CA ILE A 385 8.87 2.62 1.51
C ILE A 385 8.19 3.05 2.80
N LYS A 386 8.94 3.75 3.66
CA LYS A 386 8.39 4.19 4.92
C LYS A 386 8.46 5.70 5.03
N HIS A 387 7.56 6.23 5.84
CA HIS A 387 7.54 7.63 6.25
C HIS A 387 8.41 7.75 7.51
N ASN A 388 9.56 8.41 7.37
CA ASN A 388 10.54 8.44 8.45
C ASN A 388 10.02 9.06 9.75
N PRO A 389 9.28 10.17 9.75
CA PRO A 389 8.85 10.74 11.05
C PRO A 389 7.99 9.81 11.89
N THR A 390 7.26 8.89 11.27
CA THR A 390 6.32 8.05 12.01
C THR A 390 6.62 6.57 11.89
N ASN A 391 7.62 6.19 11.10
CA ASN A 391 7.88 4.78 10.79
C ASN A 391 6.65 4.08 10.21
N THR A 392 5.81 4.79 9.47
CA THR A 392 4.64 4.16 8.84
C THR A 392 5.01 3.58 7.47
N ILE A 393 4.60 2.34 7.22
CA ILE A 393 4.85 1.69 5.95
C ILE A 393 3.90 2.23 4.90
N VAL A 394 4.44 2.86 3.85
CA VAL A 394 3.62 3.42 2.77
C VAL A 394 3.48 2.43 1.62
N TYR A 395 4.57 1.79 1.22
CA TYR A 395 4.51 0.72 0.23
C TYR A 395 5.18 -0.50 0.82
N PHE A 396 4.69 -1.69 0.44
CA PHE A 396 5.38 -2.93 0.70
C PHE A 396 5.42 -3.74 -0.60
N GLY A 397 6.53 -4.44 -0.83
CA GLY A 397 6.58 -5.18 -2.08
C GLY A 397 7.63 -6.26 -2.12
N ARG A 398 7.55 -7.06 -3.17
CA ARG A 398 8.54 -8.08 -3.50
C ARG A 398 9.04 -7.83 -4.92
N TYR A 399 10.37 -7.73 -5.08
CA TYR A 399 10.96 -7.65 -6.42
C TYR A 399 11.38 -9.08 -6.79
N TRP A 400 10.60 -9.71 -7.65
CA TRP A 400 10.88 -11.07 -8.09
C TRP A 400 11.69 -11.11 -9.37
N SER A 401 11.37 -10.27 -10.36
CA SER A 401 12.06 -10.37 -11.64
C SER A 401 11.98 -9.04 -12.36
N PRO A 402 13.01 -8.68 -13.16
CA PRO A 402 12.76 -7.55 -14.05
C PRO A 402 11.72 -7.91 -15.11
#